data_6TL2
#
_entry.id   6TL2
#
_cell.length_a   150.010
_cell.length_b   81.650
_cell.length_c   95.590
_cell.angle_alpha   90.000
_cell.angle_beta   107.430
_cell.angle_gamma   90.000
#
_symmetry.space_group_name_H-M   'C 1 2 1'
#
loop_
_entity.id
_entity.type
_entity.pdbx_description
1 polymer 'Divalent metal cation transporter MntH'
2 non-polymer '[3-bromanyl-5-(carbamimidoylsulfanylmethyl)phenyl]methyl carbamimidothioate'
#
_entity_poly.entity_id   1
_entity_poly.type   'polypeptide(L)'
_entity_poly.pdbx_seq_one_letter_code
;DLSLSDINSTVEVPEGHSFWKTLLAYSGPGALVAVGYMDPGNWSTSITGGQNFQYLLLSIIVISSLLAMLLQNMAAKLGI
VCQLDLAQAIRARTSRRLGFIFWILTELAIMATDIAEVIGAAIALYLLFKIPIFLAVVITVLDVFLLLLLNRIGFRKIEA
LVVCLIFVILFVFLYQIILSQPAWHQVAKGLIPSWASVQTSPKIGGQTPLSASLGIIGATIMPHNLFLHSAISQSRKIDR
TDSSKVAEAVRFSNWDSNIQLSLAMVVNALLLIMGVAVFKSGAVQDPSFFGLYQALSNPDMVSNPVLAEAARSGVLSTLF
AVALLASGQNSTITGTITGQVIMEGFIHLRLPLWLRRLVTRLIAIIPVVVCVAITSHQGSLDEHQALNNLMNNSQVFLAL
ALPFSIVPLLMLTDSAAQMGNQFKNTRWVKVMGWLTVIILTLLNLISISSQIAGFFGDNPSSQDLLLSQVISIGIILAMI
GLLIWTIIDIRRFT
;
_entity_poly.pdbx_strand_id   A
#
loop_
_chem_comp.id
_chem_comp.type
_chem_comp.name
_chem_comp.formula
NJZ non-polymer '[3-bromanyl-5-(carbamimidoylsulfanylmethyl)phenyl]methyl carbamimidothioate' 'C10 H13 Br N4 S2'
#
# COMPACT_ATOMS: atom_id res chain seq x y z
N ASP A 1 -1.35 28.13 -3.83
CA ASP A 1 -2.16 27.94 -2.64
C ASP A 1 -3.13 26.76 -2.78
N LEU A 2 -3.06 26.06 -3.92
CA LEU A 2 -3.89 24.89 -4.18
C LEU A 2 -3.03 23.64 -4.37
N SER A 3 -3.64 22.48 -4.13
CA SER A 3 -2.89 21.22 -4.14
C SER A 3 -2.47 20.83 -5.55
N LEU A 4 -1.21 20.41 -5.69
CA LEU A 4 -0.63 20.04 -6.96
C LEU A 4 -0.89 21.10 -8.02
N SER A 5 -0.38 22.30 -7.73
CA SER A 5 -0.56 23.43 -8.62
C SER A 5 -0.03 23.13 -10.02
N ASP A 6 0.90 22.18 -10.16
CA ASP A 6 1.49 21.90 -11.46
C ASP A 6 0.56 21.13 -12.38
N ILE A 7 -0.30 20.28 -11.83
CA ILE A 7 -1.14 19.45 -12.69
C ILE A 7 -2.57 19.43 -12.14
N ASN A 8 -2.94 20.47 -11.40
CA ASN A 8 -4.28 20.54 -10.83
C ASN A 8 -5.26 21.02 -11.91
N SER A 9 -6.37 20.30 -12.03
CA SER A 9 -7.39 20.59 -13.05
C SER A 9 -6.75 20.79 -14.42
N THR A 10 -6.05 19.75 -14.88
CA THR A 10 -5.28 19.89 -16.12
C THR A 10 -6.16 19.66 -17.35
N VAL A 11 -6.69 18.45 -17.51
CA VAL A 11 -7.49 18.08 -18.66
C VAL A 11 -8.86 17.62 -18.17
N GLU A 12 -9.91 18.27 -18.65
CA GLU A 12 -11.28 17.88 -18.39
C GLU A 12 -11.94 17.64 -19.74
N VAL A 13 -12.29 16.40 -20.03
CA VAL A 13 -12.86 16.08 -21.33
C VAL A 13 -14.13 15.24 -21.15
N PRO A 14 -15.18 15.77 -20.51
CA PRO A 14 -16.47 15.06 -20.50
C PRO A 14 -17.39 15.50 -21.63
N GLU A 15 -17.65 14.62 -22.60
CA GLU A 15 -18.36 15.01 -23.82
C GLU A 15 -19.72 14.31 -23.87
N GLY A 16 -20.79 15.10 -23.72
CA GLY A 16 -22.14 14.58 -23.85
C GLY A 16 -22.39 13.40 -22.92
N HIS A 17 -22.89 12.30 -23.50
CA HIS A 17 -23.17 11.06 -22.78
C HIS A 17 -22.15 9.96 -23.08
N SER A 18 -21.06 10.30 -23.77
CA SER A 18 -20.00 9.32 -24.09
C SER A 18 -19.06 9.15 -22.89
N PHE A 19 -19.58 8.46 -21.88
CA PHE A 19 -18.82 8.28 -20.63
C PHE A 19 -17.55 7.47 -20.86
N TRP A 20 -17.63 6.41 -21.65
CA TRP A 20 -16.48 5.51 -21.81
C TRP A 20 -15.25 6.24 -22.34
N LYS A 21 -15.42 6.95 -23.45
CA LYS A 21 -14.31 7.76 -23.95
C LYS A 21 -13.86 8.76 -22.89
N THR A 22 -14.83 9.38 -22.21
CA THR A 22 -14.50 10.21 -21.05
C THR A 22 -13.81 9.39 -19.97
N LEU A 23 -14.32 8.19 -19.71
CA LEU A 23 -13.68 7.29 -18.76
C LEU A 23 -12.21 7.12 -19.11
N LEU A 24 -11.89 7.02 -20.40
CA LEU A 24 -10.52 6.79 -20.85
C LEU A 24 -9.59 7.96 -20.57
N ALA A 25 -10.11 9.15 -20.29
CA ALA A 25 -9.25 10.31 -20.13
C ALA A 25 -8.66 10.37 -18.73
N TYR A 26 -9.51 10.27 -17.70
CA TYR A 26 -9.12 10.43 -16.32
C TYR A 26 -8.81 9.10 -15.63
N SER A 27 -8.62 8.04 -16.40
CA SER A 27 -8.34 6.73 -15.81
C SER A 27 -6.98 6.68 -15.09
N GLY A 28 -6.24 7.77 -14.97
CA GLY A 28 -4.92 7.76 -14.39
C GLY A 28 -4.90 7.70 -12.87
N PRO A 29 -5.60 8.63 -12.22
CA PRO A 29 -5.51 8.70 -10.75
C PRO A 29 -5.77 7.38 -10.04
N GLY A 30 -6.66 6.54 -10.58
CA GLY A 30 -6.91 5.25 -9.96
C GLY A 30 -5.70 4.35 -9.95
N ALA A 31 -4.99 4.28 -11.07
CA ALA A 31 -3.85 3.39 -11.18
C ALA A 31 -2.72 3.81 -10.25
N LEU A 32 -2.45 5.11 -10.15
CA LEU A 32 -1.38 5.56 -9.26
C LEU A 32 -1.61 5.08 -7.83
N VAL A 33 -2.88 5.03 -7.40
CA VAL A 33 -3.17 4.58 -6.04
C VAL A 33 -3.17 3.06 -5.97
N ALA A 34 -3.74 2.39 -6.96
CA ALA A 34 -3.80 0.93 -6.94
C ALA A 34 -2.40 0.33 -6.89
N VAL A 35 -1.51 0.78 -7.76
CA VAL A 35 -0.15 0.23 -7.84
C VAL A 35 0.53 0.24 -6.47
N GLY A 36 0.20 1.19 -5.62
CA GLY A 36 0.77 1.22 -4.29
C GLY A 36 0.33 0.04 -3.45
N TYR A 37 -0.86 -0.50 -3.73
CA TYR A 37 -1.38 -1.66 -3.02
C TYR A 37 -0.82 -2.98 -3.53
N MET A 38 0.12 -2.94 -4.47
CA MET A 38 0.75 -4.13 -5.01
C MET A 38 2.22 -4.23 -4.64
N ASP A 39 2.66 -3.46 -3.64
CA ASP A 39 4.06 -3.45 -3.29
C ASP A 39 4.44 -4.76 -2.59
N PRO A 40 5.70 -5.19 -2.73
CA PRO A 40 6.12 -6.46 -2.13
C PRO A 40 6.04 -6.49 -0.62
N GLY A 41 5.64 -5.41 0.03
CA GLY A 41 5.60 -5.37 1.49
C GLY A 41 4.74 -6.45 2.10
N ASN A 42 3.88 -7.09 1.30
CA ASN A 42 2.99 -8.14 1.78
C ASN A 42 2.90 -9.29 0.79
N TRP A 43 3.80 -9.36 -0.18
CA TRP A 43 3.82 -10.49 -1.10
C TRP A 43 3.98 -11.82 -0.35
N SER A 44 4.92 -11.86 0.60
CA SER A 44 5.13 -13.06 1.38
C SER A 44 3.89 -13.43 2.18
N THR A 45 3.24 -12.43 2.80
CA THR A 45 2.09 -12.72 3.64
C THR A 45 0.93 -13.31 2.85
N SER A 46 0.85 -13.00 1.55
CA SER A 46 -0.18 -13.61 0.70
C SER A 46 0.16 -15.05 0.36
N ILE A 47 1.40 -15.29 -0.06
CA ILE A 47 1.84 -16.66 -0.32
C ILE A 47 1.83 -17.49 0.97
N THR A 48 2.24 -16.89 2.09
CA THR A 48 2.22 -17.60 3.37
C THR A 48 0.81 -17.97 3.78
N GLY A 49 -0.12 -17.00 3.72
CA GLY A 49 -1.51 -17.33 3.97
C GLY A 49 -2.03 -18.40 3.03
N GLY A 50 -1.56 -18.40 1.79
CA GLY A 50 -2.00 -19.43 0.85
C GLY A 50 -1.54 -20.82 1.25
N GLN A 51 -0.26 -20.96 1.58
CA GLN A 51 0.26 -22.26 2.00
C GLN A 51 -0.38 -22.72 3.31
N ASN A 52 -0.66 -21.79 4.23
CA ASN A 52 -1.20 -22.20 5.51
C ASN A 52 -2.71 -22.48 5.47
N PHE A 53 -3.45 -21.79 4.58
CA PHE A 53 -4.89 -21.95 4.45
C PHE A 53 -5.22 -21.81 2.96
N GLN A 54 -4.82 -22.82 2.21
CA GLN A 54 -4.97 -22.83 0.76
C GLN A 54 -6.35 -22.37 0.32
N TYR A 55 -6.38 -21.31 -0.50
CA TYR A 55 -7.61 -20.81 -1.12
C TYR A 55 -8.68 -20.50 -0.09
N LEU A 56 -8.28 -20.18 1.13
CA LEU A 56 -9.21 -19.93 2.22
C LEU A 56 -9.33 -18.45 2.55
N LEU A 57 -8.21 -17.74 2.51
CA LEU A 57 -8.16 -16.32 2.81
C LEU A 57 -8.51 -15.45 1.60
N LEU A 58 -8.96 -16.05 0.50
CA LEU A 58 -9.27 -15.27 -0.69
C LEU A 58 -10.47 -14.35 -0.46
N SER A 59 -11.38 -14.73 0.42
CA SER A 59 -12.52 -13.86 0.71
C SER A 59 -12.08 -12.65 1.54
N ILE A 60 -11.12 -12.85 2.44
CA ILE A 60 -10.61 -11.73 3.22
C ILE A 60 -9.95 -10.70 2.32
N ILE A 61 -9.25 -11.17 1.29
CA ILE A 61 -8.68 -10.27 0.29
C ILE A 61 -9.77 -9.41 -0.33
N VAL A 62 -10.88 -10.04 -0.71
CA VAL A 62 -11.97 -9.28 -1.33
C VAL A 62 -12.52 -8.24 -0.38
N ILE A 63 -12.77 -8.63 0.88
CA ILE A 63 -13.34 -7.68 1.84
C ILE A 63 -12.38 -6.53 2.08
N SER A 64 -11.10 -6.81 2.23
CA SER A 64 -10.14 -5.74 2.43
C SER A 64 -10.10 -4.83 1.22
N SER A 65 -10.18 -5.42 0.01
CA SER A 65 -10.22 -4.60 -1.20
C SER A 65 -11.45 -3.70 -1.21
N LEU A 66 -12.60 -4.24 -0.80
CA LEU A 66 -13.81 -3.42 -0.76
C LEU A 66 -13.65 -2.25 0.19
N LEU A 67 -13.12 -2.51 1.39
CA LEU A 67 -12.95 -1.43 2.36
C LEU A 67 -11.97 -0.37 1.87
N ALA A 68 -10.86 -0.79 1.27
CA ALA A 68 -9.91 0.17 0.72
C ALA A 68 -10.55 1.00 -0.39
N MET A 69 -11.35 0.35 -1.24
CA MET A 69 -12.08 1.09 -2.27
C MET A 69 -13.01 2.12 -1.65
N LEU A 70 -13.71 1.74 -0.60
CA LEU A 70 -14.60 2.68 0.09
C LEU A 70 -13.84 3.91 0.56
N LEU A 71 -12.77 3.71 1.32
CA LEU A 71 -12.03 4.85 1.89
C LEU A 71 -11.37 5.69 0.80
N GLN A 72 -10.83 5.04 -0.25
CA GLN A 72 -10.19 5.79 -1.32
C GLN A 72 -11.22 6.57 -2.13
N ASN A 73 -12.42 6.02 -2.29
CA ASN A 73 -13.51 6.78 -2.90
C ASN A 73 -13.86 8.00 -2.06
N MET A 74 -13.90 7.84 -0.74
CA MET A 74 -14.15 9.00 0.12
C MET A 74 -13.09 10.08 -0.09
N ALA A 75 -11.82 9.65 -0.18
CA ALA A 75 -10.73 10.61 -0.38
C ALA A 75 -10.81 11.29 -1.74
N ALA A 76 -11.13 10.53 -2.78
CA ALA A 76 -11.31 11.10 -4.11
C ALA A 76 -12.50 12.07 -4.12
N LYS A 77 -13.56 11.74 -3.39
CA LYS A 77 -14.71 12.65 -3.31
C LYS A 77 -14.32 13.96 -2.63
N LEU A 78 -13.64 13.88 -1.48
CA LEU A 78 -13.20 15.11 -0.84
C LEU A 78 -12.38 15.95 -1.82
N GLY A 79 -11.41 15.33 -2.48
CA GLY A 79 -10.61 16.08 -3.45
C GLY A 79 -11.45 16.71 -4.53
N ILE A 80 -12.33 15.92 -5.16
CA ILE A 80 -13.13 16.40 -6.28
C ILE A 80 -14.02 17.57 -5.85
N VAL A 81 -14.80 17.37 -4.79
CA VAL A 81 -15.75 18.36 -4.31
C VAL A 81 -15.01 19.60 -3.80
N CYS A 82 -14.32 19.47 -2.68
CA CYS A 82 -13.74 20.67 -2.06
C CYS A 82 -12.58 21.23 -2.85
N GLN A 83 -12.18 20.63 -3.98
CA GLN A 83 -11.07 21.14 -4.78
C GLN A 83 -9.80 21.27 -3.94
N LEU A 84 -9.68 20.47 -2.88
CA LEU A 84 -8.51 20.50 -2.01
C LEU A 84 -8.29 19.11 -1.44
N ASP A 85 -7.02 18.81 -1.13
CA ASP A 85 -6.64 17.50 -0.66
C ASP A 85 -6.92 17.35 0.84
N LEU A 86 -6.78 16.11 1.33
CA LEU A 86 -7.07 15.86 2.74
C LEU A 86 -6.11 16.61 3.66
N ALA A 87 -4.82 16.65 3.30
CA ALA A 87 -3.85 17.38 4.11
C ALA A 87 -4.28 18.82 4.30
N GLN A 88 -4.69 19.49 3.22
CA GLN A 88 -5.14 20.87 3.33
C GLN A 88 -6.38 20.99 4.21
N ALA A 89 -7.38 20.13 4.00
CA ALA A 89 -8.56 20.14 4.84
C ALA A 89 -8.19 20.01 6.31
N ILE A 90 -7.33 19.03 6.63
CA ILE A 90 -6.95 18.79 8.02
C ILE A 90 -6.18 19.97 8.58
N ARG A 91 -5.20 20.47 7.83
CA ARG A 91 -4.39 21.58 8.30
C ARG A 91 -5.23 22.83 8.50
N ALA A 92 -6.24 23.03 7.67
CA ALA A 92 -7.12 24.18 7.81
C ALA A 92 -8.07 24.01 8.99
N ARG A 93 -8.50 22.79 9.28
CA ARG A 93 -9.37 22.53 10.41
C ARG A 93 -8.60 22.20 11.68
N THR A 94 -7.28 22.41 11.69
CA THR A 94 -6.48 22.10 12.87
C THR A 94 -5.24 22.98 12.90
N SER A 95 -4.63 23.07 14.09
CA SER A 95 -3.48 23.93 14.35
C SER A 95 -2.24 23.41 13.62
N ARG A 96 -1.19 24.25 13.62
CA ARG A 96 0.05 23.87 12.95
C ARG A 96 0.72 22.70 13.67
N ARG A 97 0.62 22.66 15.00
CA ARG A 97 1.28 21.59 15.75
C ARG A 97 0.72 20.23 15.36
N LEU A 98 -0.61 20.11 15.28
CA LEU A 98 -1.18 18.85 14.83
C LEU A 98 -0.88 18.62 13.35
N GLY A 99 -0.95 19.67 12.54
CA GLY A 99 -0.53 19.54 11.16
C GLY A 99 0.88 19.00 11.03
N PHE A 100 1.80 19.50 11.86
CA PHE A 100 3.19 19.05 11.81
C PHE A 100 3.31 17.60 12.29
N ILE A 101 2.60 17.24 13.36
CA ILE A 101 2.60 15.86 13.83
C ILE A 101 2.15 14.93 12.70
N PHE A 102 1.00 15.23 12.10
CA PHE A 102 0.53 14.41 10.97
C PHE A 102 1.55 14.39 9.85
N TRP A 103 2.21 15.52 9.58
CA TRP A 103 3.20 15.56 8.53
C TRP A 103 4.32 14.59 8.79
N ILE A 104 4.91 14.64 10.00
CA ILE A 104 6.01 13.74 10.31
C ILE A 104 5.53 12.29 10.26
N LEU A 105 4.32 12.02 10.76
CA LEU A 105 3.82 10.64 10.77
C LEU A 105 3.65 10.09 9.35
N THR A 106 3.06 10.89 8.45
CA THR A 106 2.86 10.41 7.10
C THR A 106 4.17 10.41 6.31
N GLU A 107 5.11 11.28 6.66
CA GLU A 107 6.46 11.16 6.12
C GLU A 107 7.06 9.81 6.49
N LEU A 108 6.93 9.42 7.76
CA LEU A 108 7.46 8.13 8.20
C LEU A 108 6.74 6.97 7.52
N ALA A 109 5.43 7.10 7.28
CA ALA A 109 4.71 6.03 6.58
C ALA A 109 5.19 5.90 5.14
N ILE A 110 5.28 7.02 4.41
CA ILE A 110 5.76 6.94 3.04
C ILE A 110 7.21 6.48 3.02
N MET A 111 7.97 6.78 4.08
CA MET A 111 9.36 6.33 4.15
C MET A 111 9.44 4.83 4.41
N ALA A 112 8.53 4.29 5.21
CA ALA A 112 8.45 2.84 5.37
C ALA A 112 8.12 2.16 4.05
N THR A 113 7.13 2.68 3.33
CA THR A 113 6.84 2.13 2.00
C THR A 113 8.05 2.25 1.08
N ASP A 114 8.81 3.33 1.22
CA ASP A 114 10.00 3.52 0.40
C ASP A 114 11.08 2.51 0.78
N ILE A 115 11.22 2.20 2.08
CA ILE A 115 12.17 1.19 2.51
C ILE A 115 11.82 -0.16 1.90
N ALA A 116 10.54 -0.54 1.99
CA ALA A 116 10.09 -1.77 1.34
C ALA A 116 10.43 -1.76 -0.15
N GLU A 117 10.17 -0.64 -0.82
CA GLU A 117 10.42 -0.55 -2.26
C GLU A 117 11.90 -0.68 -2.57
N VAL A 118 12.76 -0.02 -1.79
CA VAL A 118 14.19 -0.06 -2.05
C VAL A 118 14.74 -1.45 -1.81
N ILE A 119 14.28 -2.10 -0.73
CA ILE A 119 14.75 -3.46 -0.43
C ILE A 119 14.35 -4.42 -1.54
N GLY A 120 13.08 -4.42 -1.91
CA GLY A 120 12.63 -5.27 -3.01
C GLY A 120 13.34 -4.98 -4.33
N ALA A 121 13.62 -3.70 -4.59
CA ALA A 121 14.25 -3.37 -5.87
C ALA A 121 15.73 -3.74 -5.89
N ALA A 122 16.45 -3.50 -4.78
CA ALA A 122 17.84 -3.89 -4.70
C ALA A 122 17.98 -5.41 -4.76
N ILE A 123 17.08 -6.14 -4.10
CA ILE A 123 17.11 -7.59 -4.19
C ILE A 123 16.78 -8.05 -5.61
N ALA A 124 15.86 -7.36 -6.29
CA ALA A 124 15.56 -7.69 -7.68
C ALA A 124 16.78 -7.48 -8.56
N LEU A 125 17.56 -6.43 -8.28
CA LEU A 125 18.83 -6.23 -8.99
C LEU A 125 19.77 -7.38 -8.71
N TYR A 126 20.01 -7.66 -7.43
CA TYR A 126 20.84 -8.80 -7.03
C TYR A 126 20.48 -10.05 -7.82
N LEU A 127 19.19 -10.38 -7.88
CA LEU A 127 18.77 -11.63 -8.52
C LEU A 127 18.92 -11.56 -10.03
N LEU A 128 18.38 -10.53 -10.67
CA LEU A 128 18.42 -10.41 -12.11
C LEU A 128 19.84 -10.21 -12.63
N PHE A 129 20.44 -9.08 -12.28
CA PHE A 129 21.73 -8.68 -12.80
C PHE A 129 22.88 -9.13 -11.90
N LYS A 130 22.62 -9.98 -10.89
CA LYS A 130 23.66 -10.44 -9.97
C LYS A 130 24.51 -9.29 -9.44
N ILE A 131 23.91 -8.12 -9.31
CA ILE A 131 24.62 -6.97 -8.73
C ILE A 131 24.86 -7.22 -7.25
N PRO A 132 26.03 -6.89 -6.71
CA PRO A 132 26.25 -7.04 -5.28
C PRO A 132 25.16 -6.38 -4.46
N ILE A 133 24.81 -7.00 -3.34
CA ILE A 133 23.72 -6.49 -2.51
C ILE A 133 23.98 -5.04 -2.13
N PHE A 134 25.19 -4.72 -1.70
CA PHE A 134 25.49 -3.35 -1.28
C PHE A 134 25.46 -2.37 -2.45
N LEU A 135 25.83 -2.82 -3.65
CA LEU A 135 25.77 -1.94 -4.81
C LEU A 135 24.35 -1.80 -5.35
N ALA A 136 23.51 -2.83 -5.21
CA ALA A 136 22.13 -2.69 -5.65
C ALA A 136 21.43 -1.56 -4.91
N VAL A 137 21.76 -1.35 -3.64
CA VAL A 137 21.12 -0.28 -2.87
C VAL A 137 21.55 1.09 -3.37
N VAL A 138 22.86 1.28 -3.54
CA VAL A 138 23.35 2.55 -4.05
C VAL A 138 22.91 2.80 -5.49
N ILE A 139 22.59 1.74 -6.24
CA ILE A 139 22.04 1.91 -7.57
C ILE A 139 20.59 2.37 -7.50
N THR A 140 19.79 1.75 -6.63
CA THR A 140 18.41 2.21 -6.44
C THR A 140 18.36 3.66 -5.99
N VAL A 141 19.38 4.11 -5.25
CA VAL A 141 19.44 5.51 -4.87
C VAL A 141 19.48 6.45 -6.07
N LEU A 142 19.84 5.93 -7.24
CA LEU A 142 19.90 6.74 -8.47
C LEU A 142 18.54 6.97 -9.11
N ASP A 143 17.44 6.71 -8.40
CA ASP A 143 16.14 6.92 -9.00
C ASP A 143 15.76 8.40 -9.10
N VAL A 144 16.58 9.30 -8.57
CA VAL A 144 16.28 10.72 -8.72
C VAL A 144 16.36 11.13 -10.18
N PHE A 145 17.30 10.55 -10.93
CA PHE A 145 17.38 10.84 -12.35
C PHE A 145 16.22 10.21 -13.11
N LEU A 146 15.79 9.02 -12.70
CA LEU A 146 14.57 8.46 -13.27
C LEU A 146 13.38 9.39 -13.00
N LEU A 147 13.39 10.05 -11.84
CA LEU A 147 12.35 11.01 -11.52
C LEU A 147 12.45 12.26 -12.40
N LEU A 148 13.68 12.71 -12.67
CA LEU A 148 13.87 13.84 -13.57
C LEU A 148 13.30 13.53 -14.97
N LEU A 149 13.64 12.35 -15.51
CA LEU A 149 13.08 11.97 -16.81
C LEU A 149 11.58 11.77 -16.75
N LEU A 150 11.06 11.32 -15.59
CA LEU A 150 9.64 11.12 -15.41
C LEU A 150 8.87 12.44 -15.36
N ASN A 151 9.52 13.51 -14.92
CA ASN A 151 8.85 14.80 -14.79
C ASN A 151 8.43 15.36 -16.14
N ARG A 152 9.19 15.08 -17.19
CA ARG A 152 8.94 15.65 -18.51
C ARG A 152 7.95 14.84 -19.34
N ILE A 153 7.38 13.78 -18.79
CA ILE A 153 6.54 12.91 -19.62
C ILE A 153 5.11 13.43 -19.66
N GLY A 154 4.51 13.66 -18.50
CA GLY A 154 3.12 14.08 -18.41
C GLY A 154 2.22 12.96 -17.90
N PHE A 155 1.12 13.35 -17.27
CA PHE A 155 0.24 12.38 -16.61
C PHE A 155 -0.56 11.54 -17.58
N ARG A 156 -0.79 12.00 -18.80
CA ARG A 156 -1.47 11.13 -19.76
C ARG A 156 -0.63 9.90 -20.06
N LYS A 157 0.69 10.02 -19.94
CA LYS A 157 1.60 8.91 -20.13
C LYS A 157 2.13 8.35 -18.81
N ILE A 158 2.38 9.20 -17.81
CA ILE A 158 2.87 8.73 -16.52
C ILE A 158 1.88 7.77 -15.89
N GLU A 159 0.61 8.14 -15.87
CA GLU A 159 -0.42 7.23 -15.36
C GLU A 159 -0.55 6.00 -16.24
N ALA A 160 -0.41 6.16 -17.56
CA ALA A 160 -0.37 4.98 -18.43
C ALA A 160 0.86 4.13 -18.15
N LEU A 161 1.98 4.77 -17.77
CA LEU A 161 3.17 4.00 -17.39
C LEU A 161 2.93 3.21 -16.11
N VAL A 162 2.22 3.80 -15.16
CA VAL A 162 1.84 3.08 -13.95
C VAL A 162 0.94 1.90 -14.32
N VAL A 163 0.02 2.10 -15.27
CA VAL A 163 -0.81 0.98 -15.72
C VAL A 163 0.06 -0.10 -16.37
N CYS A 164 1.09 0.33 -17.10
CA CYS A 164 2.04 -0.61 -17.68
C CYS A 164 2.71 -1.44 -16.59
N LEU A 165 3.20 -0.79 -15.55
CA LEU A 165 3.82 -1.53 -14.44
C LEU A 165 2.83 -2.47 -13.78
N ILE A 166 1.60 -2.00 -13.57
CA ILE A 166 0.55 -2.82 -12.97
C ILE A 166 0.36 -4.10 -13.77
N PHE A 167 0.16 -3.96 -15.08
CA PHE A 167 -0.08 -5.15 -15.89
C PHE A 167 1.17 -6.00 -16.00
N VAL A 168 2.35 -5.40 -15.90
CA VAL A 168 3.59 -6.18 -15.85
C VAL A 168 3.55 -7.14 -14.67
N ILE A 169 3.45 -6.58 -13.46
CA ILE A 169 3.45 -7.43 -12.28
C ILE A 169 2.21 -8.30 -12.21
N LEU A 170 1.17 -7.95 -12.96
CA LEU A 170 -0.04 -8.79 -12.97
C LEU A 170 0.14 -10.00 -13.88
N PHE A 171 0.67 -9.78 -15.08
CA PHE A 171 0.89 -10.87 -16.01
C PHE A 171 2.06 -11.75 -15.59
N VAL A 172 3.03 -11.19 -14.87
CA VAL A 172 4.12 -12.01 -14.37
C VAL A 172 3.58 -13.12 -13.48
N PHE A 173 2.66 -12.78 -12.58
CA PHE A 173 2.10 -13.77 -11.67
C PHE A 173 0.92 -14.53 -12.28
N LEU A 174 0.25 -13.98 -13.28
CA LEU A 174 -0.81 -14.73 -13.93
C LEU A 174 -0.26 -15.79 -14.89
N TYR A 175 0.92 -15.52 -15.46
CA TYR A 175 1.57 -16.51 -16.32
C TYR A 175 1.94 -17.75 -15.54
N GLN A 176 2.53 -17.56 -14.35
CA GLN A 176 2.89 -18.70 -13.51
C GLN A 176 1.67 -19.42 -12.97
N ILE A 177 0.51 -18.76 -12.92
CA ILE A 177 -0.72 -19.44 -12.51
C ILE A 177 -1.34 -20.17 -13.69
N ILE A 178 -1.24 -19.58 -14.88
CA ILE A 178 -1.69 -20.25 -16.09
C ILE A 178 -0.93 -21.57 -16.28
N LEU A 179 0.38 -21.55 -16.06
CA LEU A 179 1.15 -22.79 -16.14
C LEU A 179 0.81 -23.75 -15.01
N SER A 180 0.34 -23.24 -13.87
CA SER A 180 0.02 -24.09 -12.75
C SER A 180 -1.24 -24.91 -12.98
N GLN A 181 -2.20 -24.36 -13.73
CA GLN A 181 -3.46 -25.05 -13.93
C GLN A 181 -4.02 -25.44 -12.58
N PRO A 182 -4.44 -24.46 -11.77
CA PRO A 182 -5.00 -24.76 -10.45
C PRO A 182 -6.49 -25.08 -10.53
N ALA A 183 -6.98 -25.68 -9.45
CA ALA A 183 -8.38 -26.08 -9.35
C ALA A 183 -9.27 -24.86 -9.12
N TRP A 184 -9.71 -24.22 -10.21
CA TRP A 184 -10.47 -22.98 -10.07
C TRP A 184 -11.79 -23.17 -9.33
N HIS A 185 -12.25 -24.41 -9.15
CA HIS A 185 -13.46 -24.64 -8.37
C HIS A 185 -13.21 -24.39 -6.89
N GLN A 186 -12.05 -24.83 -6.39
CA GLN A 186 -11.70 -24.50 -5.01
C GLN A 186 -11.39 -23.02 -4.85
N VAL A 187 -10.95 -22.35 -5.91
CA VAL A 187 -10.70 -20.91 -5.83
C VAL A 187 -12.01 -20.16 -5.60
N ALA A 188 -13.03 -20.47 -6.42
CA ALA A 188 -14.34 -19.85 -6.24
C ALA A 188 -14.92 -20.18 -4.87
N LYS A 189 -14.64 -21.38 -4.36
CA LYS A 189 -15.12 -21.74 -3.03
C LYS A 189 -14.42 -20.91 -1.96
N GLY A 190 -13.13 -20.61 -2.16
CA GLY A 190 -12.43 -19.77 -1.21
C GLY A 190 -12.87 -18.33 -1.23
N LEU A 191 -13.22 -17.82 -2.42
CA LEU A 191 -13.66 -16.44 -2.57
C LEU A 191 -14.96 -16.14 -1.83
N ILE A 192 -15.68 -17.17 -1.40
CA ILE A 192 -16.91 -16.97 -0.65
C ILE A 192 -16.53 -16.51 0.76
N PRO A 193 -17.35 -15.71 1.42
CA PRO A 193 -17.08 -15.24 2.80
C PRO A 193 -17.50 -16.26 3.85
N SER A 194 -16.75 -17.36 3.91
CA SER A 194 -17.02 -18.43 4.86
C SER A 194 -16.52 -18.06 6.25
N TRP A 195 -17.06 -18.76 7.27
CA TRP A 195 -16.71 -18.48 8.67
C TRP A 195 -15.48 -19.24 9.13
N ALA A 196 -14.99 -20.18 8.32
CA ALA A 196 -13.76 -20.89 8.66
C ALA A 196 -12.59 -19.92 8.79
N SER A 197 -12.61 -18.82 8.03
CA SER A 197 -11.51 -17.86 8.04
C SER A 197 -11.42 -17.11 9.36
N VAL A 198 -12.54 -16.87 10.03
CA VAL A 198 -12.52 -16.15 11.30
C VAL A 198 -12.29 -17.06 12.50
N GLN A 199 -12.28 -18.37 12.29
CA GLN A 199 -12.05 -19.32 13.37
C GLN A 199 -10.56 -19.42 13.68
N THR A 200 -10.28 -19.99 14.85
CA THR A 200 -8.93 -20.08 15.37
C THR A 200 -8.43 -21.53 15.50
N SER A 201 -9.16 -22.51 14.95
CA SER A 201 -9.01 -23.94 15.17
C SER A 201 -7.75 -24.48 14.54
N PRO A 202 -7.55 -24.24 13.26
CA PRO A 202 -6.29 -24.61 12.62
C PRO A 202 -5.18 -23.69 13.07
N LYS A 203 -3.98 -24.25 13.19
CA LYS A 203 -2.84 -23.50 13.68
C LYS A 203 -1.62 -23.90 12.84
N ILE A 204 -1.73 -23.69 11.53
CA ILE A 204 -0.66 -24.02 10.60
C ILE A 204 0.40 -22.93 10.65
N GLY A 205 1.67 -23.35 10.78
CA GLY A 205 2.76 -22.40 10.79
C GLY A 205 2.51 -21.25 11.75
N GLY A 206 2.14 -21.58 12.98
CA GLY A 206 1.91 -20.60 14.04
C GLY A 206 0.99 -19.46 13.64
N GLN A 207 0.14 -19.70 12.64
CA GLN A 207 -0.78 -18.69 12.15
C GLN A 207 -2.17 -19.32 12.06
N THR A 208 -3.11 -18.80 12.84
CA THR A 208 -4.50 -19.22 12.77
C THR A 208 -5.25 -18.43 11.72
N PRO A 209 -6.39 -18.92 11.27
CA PRO A 209 -7.16 -18.16 10.28
C PRO A 209 -7.52 -16.77 10.77
N LEU A 210 -8.08 -16.69 11.98
CA LEU A 210 -8.42 -15.41 12.56
C LEU A 210 -7.23 -14.45 12.54
N SER A 211 -6.05 -14.95 12.88
CA SER A 211 -4.86 -14.10 12.85
C SER A 211 -4.57 -13.58 11.45
N ALA A 212 -4.43 -14.48 10.47
CA ALA A 212 -4.12 -14.04 9.12
C ALA A 212 -5.22 -13.14 8.55
N SER A 213 -6.47 -13.49 8.84
CA SER A 213 -7.60 -12.68 8.38
C SER A 213 -7.56 -11.29 8.97
N LEU A 214 -7.43 -11.19 10.30
CA LEU A 214 -7.33 -9.89 10.93
C LEU A 214 -6.13 -9.09 10.43
N GLY A 215 -5.02 -9.77 10.15
CA GLY A 215 -3.87 -9.07 9.61
C GLY A 215 -4.15 -8.48 8.24
N ILE A 216 -4.82 -9.26 7.39
CA ILE A 216 -5.23 -8.74 6.08
C ILE A 216 -6.17 -7.56 6.26
N ILE A 217 -7.08 -7.64 7.23
CA ILE A 217 -8.06 -6.58 7.41
C ILE A 217 -7.40 -5.30 7.90
N GLY A 218 -6.64 -5.39 8.99
CA GLY A 218 -5.91 -4.24 9.47
C GLY A 218 -4.99 -3.66 8.42
N ALA A 219 -4.44 -4.50 7.54
CA ALA A 219 -3.57 -4.05 6.45
C ALA A 219 -4.33 -3.60 5.22
N THR A 220 -5.49 -2.95 5.43
CA THR A 220 -6.42 -2.69 4.33
C THR A 220 -6.01 -1.49 3.50
N ILE A 221 -5.85 -0.32 4.14
CA ILE A 221 -5.55 0.92 3.43
C ILE A 221 -4.13 1.36 3.75
N MET A 222 -3.60 2.24 2.90
CA MET A 222 -2.33 2.89 3.17
C MET A 222 -2.55 4.39 3.36
N PRO A 223 -2.22 4.95 4.52
CA PRO A 223 -2.60 6.36 4.76
C PRO A 223 -2.11 7.33 3.70
N HIS A 224 -0.90 7.12 3.16
CA HIS A 224 -0.39 8.05 2.17
C HIS A 224 -1.18 7.99 0.87
N ASN A 225 -1.71 6.81 0.52
CA ASN A 225 -2.50 6.72 -0.70
C ASN A 225 -3.84 7.44 -0.58
N LEU A 226 -4.35 7.64 0.64
CA LEU A 226 -5.51 8.48 0.80
C LEU A 226 -5.24 9.90 0.32
N PHE A 227 -4.21 10.55 0.89
CA PHE A 227 -3.80 11.87 0.44
C PHE A 227 -3.50 11.88 -1.06
N LEU A 228 -2.78 10.87 -1.54
CA LEU A 228 -2.48 10.79 -2.97
C LEU A 228 -3.75 10.83 -3.80
N HIS A 229 -4.78 10.09 -3.38
CA HIS A 229 -6.00 10.04 -4.18
C HIS A 229 -6.76 11.37 -4.09
N SER A 230 -6.89 11.91 -2.89
CA SER A 230 -7.57 13.20 -2.76
C SER A 230 -6.84 14.30 -3.53
N ALA A 231 -5.53 14.14 -3.78
CA ALA A 231 -4.82 15.15 -4.56
C ALA A 231 -4.95 14.90 -6.06
N ILE A 232 -4.77 13.65 -6.49
CA ILE A 232 -4.80 13.36 -7.91
C ILE A 232 -6.22 13.45 -8.48
N SER A 233 -7.25 13.36 -7.63
CA SER A 233 -8.60 13.46 -8.14
C SER A 233 -8.92 14.87 -8.64
N GLN A 234 -8.13 15.87 -8.21
CA GLN A 234 -8.33 17.25 -8.65
C GLN A 234 -7.66 17.57 -9.98
N SER A 235 -6.87 16.63 -10.53
CA SER A 235 -6.17 16.86 -11.79
C SER A 235 -7.11 17.04 -12.97
N ARG A 236 -8.38 16.71 -12.81
CA ARG A 236 -9.37 16.93 -13.85
C ARG A 236 -10.20 18.17 -13.50
N LYS A 237 -10.23 19.13 -14.41
CA LYS A 237 -10.93 20.38 -14.15
C LYS A 237 -12.43 20.13 -13.97
N ILE A 238 -12.99 20.77 -12.94
CA ILE A 238 -14.43 20.69 -12.67
C ILE A 238 -14.94 22.08 -12.36
N ASP A 239 -16.13 22.39 -12.88
CA ASP A 239 -16.71 23.72 -12.71
C ASP A 239 -17.17 23.97 -11.29
N ARG A 240 -17.55 22.92 -10.57
CA ARG A 240 -18.06 23.01 -9.20
C ARG A 240 -19.31 23.89 -9.11
N THR A 241 -20.04 24.03 -10.22
CA THR A 241 -21.29 24.77 -10.23
C THR A 241 -22.47 23.97 -10.76
N ASP A 242 -22.23 22.85 -11.44
CA ASP A 242 -23.28 21.98 -11.96
C ASP A 242 -23.25 20.68 -11.17
N SER A 243 -24.30 20.45 -10.37
CA SER A 243 -24.35 19.23 -9.57
C SER A 243 -24.33 17.99 -10.45
N SER A 244 -24.95 18.05 -11.63
CA SER A 244 -24.91 16.92 -12.54
C SER A 244 -23.48 16.63 -12.98
N LYS A 245 -22.68 17.67 -13.24
CA LYS A 245 -21.31 17.44 -13.68
C LYS A 245 -20.42 16.97 -12.54
N VAL A 246 -20.66 17.48 -11.33
CA VAL A 246 -19.85 17.05 -10.20
C VAL A 246 -20.23 15.65 -9.75
N ALA A 247 -21.53 15.33 -9.75
CA ALA A 247 -21.95 13.96 -9.47
C ALA A 247 -21.42 13.01 -10.54
N GLU A 248 -21.43 13.46 -11.80
CA GLU A 248 -20.80 12.67 -12.86
C GLU A 248 -19.32 12.45 -12.56
N ALA A 249 -18.59 13.50 -12.16
CA ALA A 249 -17.17 13.35 -11.87
C ALA A 249 -16.94 12.39 -10.71
N VAL A 250 -17.84 12.41 -9.73
CA VAL A 250 -17.78 11.42 -8.65
C VAL A 250 -17.91 10.01 -9.22
N ARG A 251 -18.91 9.79 -10.09
CA ARG A 251 -19.03 8.48 -10.73
C ARG A 251 -17.77 8.12 -11.52
N PHE A 252 -17.18 9.09 -12.21
CA PHE A 252 -15.96 8.88 -12.98
C PHE A 252 -14.87 8.31 -12.09
N SER A 253 -14.49 9.09 -11.08
CA SER A 253 -13.41 8.69 -10.20
C SER A 253 -13.72 7.38 -9.48
N ASN A 254 -14.98 7.16 -9.10
CA ASN A 254 -15.33 5.92 -8.44
C ASN A 254 -15.09 4.72 -9.35
N TRP A 255 -15.63 4.77 -10.57
CA TRP A 255 -15.42 3.66 -11.49
C TRP A 255 -13.94 3.45 -11.76
N ASP A 256 -13.18 4.54 -11.94
CA ASP A 256 -11.74 4.41 -12.20
C ASP A 256 -11.01 3.73 -11.04
N SER A 257 -11.18 4.27 -9.83
CA SER A 257 -10.51 3.71 -8.67
C SER A 257 -10.91 2.26 -8.45
N ASN A 258 -12.18 1.94 -8.73
CA ASN A 258 -12.65 0.59 -8.45
C ASN A 258 -12.06 -0.41 -9.43
N ILE A 259 -12.04 -0.08 -10.73
CA ILE A 259 -11.27 -0.86 -11.69
C ILE A 259 -9.85 -1.11 -11.20
N GLN A 260 -9.07 -0.03 -10.98
CA GLN A 260 -7.67 -0.17 -10.63
C GLN A 260 -7.48 -0.98 -9.34
N LEU A 261 -8.21 -0.65 -8.28
CA LEU A 261 -8.09 -1.42 -7.04
C LEU A 261 -8.57 -2.86 -7.21
N SER A 262 -9.46 -3.10 -8.16
CA SER A 262 -9.81 -4.46 -8.50
C SER A 262 -8.63 -5.19 -9.14
N LEU A 263 -7.90 -4.47 -10.01
CA LEU A 263 -6.67 -5.03 -10.53
C LEU A 263 -5.76 -5.42 -9.37
N ALA A 264 -5.70 -4.57 -8.36
CA ALA A 264 -4.82 -4.83 -7.22
C ALA A 264 -5.29 -6.04 -6.41
N MET A 265 -6.60 -6.13 -6.16
CA MET A 265 -7.14 -7.28 -5.47
C MET A 265 -6.87 -8.56 -6.24
N VAL A 266 -6.93 -8.50 -7.57
CA VAL A 266 -6.63 -9.64 -8.40
C VAL A 266 -5.16 -10.03 -8.25
N VAL A 267 -4.28 -9.04 -8.12
CA VAL A 267 -2.88 -9.36 -7.89
C VAL A 267 -2.69 -10.06 -6.55
N ASN A 268 -3.42 -9.61 -5.52
CA ASN A 268 -3.31 -10.26 -4.21
C ASN A 268 -3.83 -11.70 -4.25
N ALA A 269 -4.96 -11.91 -4.92
CA ALA A 269 -5.47 -13.26 -5.12
C ALA A 269 -4.46 -14.12 -5.86
N LEU A 270 -3.82 -13.57 -6.89
CA LEU A 270 -2.81 -14.32 -7.63
C LEU A 270 -1.64 -14.69 -6.74
N LEU A 271 -1.28 -13.83 -5.80
CA LEU A 271 -0.21 -14.19 -4.87
C LEU A 271 -0.64 -15.33 -3.96
N LEU A 272 -1.89 -15.29 -3.50
CA LEU A 272 -2.38 -16.37 -2.63
C LEU A 272 -2.43 -17.70 -3.38
N ILE A 273 -3.05 -17.71 -4.56
CA ILE A 273 -3.11 -18.94 -5.34
C ILE A 273 -1.74 -19.33 -5.88
N MET A 274 -0.80 -18.39 -5.94
CA MET A 274 0.61 -18.70 -6.18
C MET A 274 1.19 -19.51 -5.05
N GLY A 275 0.94 -19.08 -3.81
CA GLY A 275 1.39 -19.82 -2.66
C GLY A 275 0.73 -21.17 -2.50
N VAL A 276 -0.49 -21.32 -3.01
CA VAL A 276 -1.21 -22.59 -2.89
C VAL A 276 -0.83 -23.54 -4.03
N ALA A 277 -1.19 -23.18 -5.27
CA ALA A 277 -1.04 -24.11 -6.38
C ALA A 277 0.42 -24.26 -6.81
N VAL A 278 1.12 -23.16 -7.05
CA VAL A 278 2.48 -23.24 -7.59
C VAL A 278 3.40 -23.95 -6.60
N PHE A 279 3.57 -23.36 -5.41
CA PHE A 279 4.47 -23.94 -4.43
C PHE A 279 3.84 -25.17 -3.78
N LYS A 280 4.71 -26.12 -3.40
CA LYS A 280 4.23 -27.27 -2.65
C LYS A 280 3.83 -26.85 -1.24
N SER A 281 3.07 -27.73 -0.58
CA SER A 281 2.61 -27.47 0.77
C SER A 281 3.81 -27.26 1.70
N GLY A 282 3.95 -26.05 2.22
CA GLY A 282 5.02 -25.71 3.13
C GLY A 282 6.39 -25.60 2.49
N ALA A 283 6.48 -25.62 1.16
CA ALA A 283 7.78 -25.51 0.50
C ALA A 283 8.50 -24.22 0.87
N VAL A 284 7.74 -23.14 1.08
CA VAL A 284 8.29 -21.82 1.35
C VAL A 284 8.69 -21.76 2.81
N GLN A 285 9.99 -21.89 3.08
CA GLN A 285 10.52 -21.73 4.42
C GLN A 285 11.13 -20.37 4.67
N ASP A 286 11.55 -19.67 3.62
CA ASP A 286 12.15 -18.34 3.73
C ASP A 286 11.26 -17.33 3.04
N PRO A 287 10.46 -16.54 3.78
CA PRO A 287 9.63 -15.52 3.14
C PRO A 287 10.41 -14.46 2.40
N SER A 288 11.73 -14.36 2.60
CA SER A 288 12.52 -13.35 1.91
C SER A 288 12.30 -13.43 0.40
N PHE A 289 12.59 -12.32 -0.27
CA PHE A 289 12.52 -12.33 -1.72
C PHE A 289 13.49 -13.35 -2.31
N PHE A 290 14.70 -13.44 -1.75
CA PHE A 290 15.63 -14.46 -2.23
C PHE A 290 15.08 -15.86 -1.96
N GLY A 291 14.45 -16.06 -0.80
CA GLY A 291 13.83 -17.35 -0.52
C GLY A 291 12.84 -17.75 -1.61
N LEU A 292 11.96 -16.82 -1.99
CA LEU A 292 10.98 -17.09 -3.05
C LEU A 292 11.64 -17.26 -4.41
N TYR A 293 12.75 -16.55 -4.66
CA TYR A 293 13.49 -16.72 -5.90
C TYR A 293 13.99 -18.15 -6.04
N GLN A 294 14.74 -18.62 -5.05
CA GLN A 294 15.27 -19.97 -5.12
C GLN A 294 14.15 -21.01 -5.06
N ALA A 295 13.06 -20.74 -4.33
CA ALA A 295 11.97 -21.69 -4.29
C ALA A 295 11.28 -21.79 -5.65
N LEU A 296 11.17 -20.69 -6.39
CA LEU A 296 10.67 -20.75 -7.76
C LEU A 296 11.69 -21.29 -8.73
N SER A 297 12.97 -21.29 -8.35
CA SER A 297 14.02 -21.82 -9.19
C SER A 297 14.34 -23.29 -8.88
N ASN A 298 13.71 -23.88 -7.85
CA ASN A 298 13.96 -25.26 -7.49
C ASN A 298 12.83 -26.15 -7.97
N PRO A 299 13.09 -27.10 -8.87
CA PRO A 299 11.97 -27.88 -9.44
C PRO A 299 11.23 -28.73 -8.41
N ASP A 300 11.89 -29.15 -7.32
CA ASP A 300 11.24 -29.99 -6.32
C ASP A 300 10.26 -29.20 -5.46
N MET A 301 10.23 -27.87 -5.58
CA MET A 301 9.33 -27.04 -4.79
C MET A 301 7.98 -26.81 -5.47
N VAL A 302 7.90 -26.99 -6.79
CA VAL A 302 6.66 -26.80 -7.53
C VAL A 302 5.82 -28.07 -7.45
N SER A 303 4.57 -27.99 -7.90
CA SER A 303 3.62 -29.10 -7.85
C SER A 303 3.11 -29.45 -9.25
N ASN A 304 4.00 -29.40 -10.26
CA ASN A 304 3.60 -29.71 -11.62
C ASN A 304 4.84 -29.99 -12.45
N PRO A 305 4.81 -31.00 -13.33
CA PRO A 305 5.99 -31.28 -14.16
C PRO A 305 6.38 -30.12 -15.07
N VAL A 306 5.40 -29.39 -15.60
CA VAL A 306 5.71 -28.23 -16.44
C VAL A 306 6.43 -27.16 -15.63
N LEU A 307 5.89 -26.85 -14.45
CA LEU A 307 6.55 -25.89 -13.57
C LEU A 307 7.94 -26.38 -13.17
N ALA A 308 8.11 -27.68 -12.98
CA ALA A 308 9.44 -28.20 -12.67
C ALA A 308 10.41 -27.91 -13.81
N GLU A 309 10.02 -28.22 -15.04
CA GLU A 309 10.88 -27.96 -16.19
C GLU A 309 11.18 -26.47 -16.31
N ALA A 310 10.16 -25.62 -16.13
CA ALA A 310 10.35 -24.18 -16.25
C ALA A 310 11.28 -23.64 -15.16
N ALA A 311 11.10 -24.12 -13.93
CA ALA A 311 11.94 -23.67 -12.82
C ALA A 311 13.38 -24.11 -13.02
N ARG A 312 13.58 -25.32 -13.54
CA ARG A 312 14.95 -25.75 -13.86
C ARG A 312 15.53 -24.88 -14.98
N SER A 313 14.69 -24.47 -15.94
CA SER A 313 15.14 -23.52 -16.95
C SER A 313 15.35 -22.12 -16.39
N GLY A 314 14.93 -21.87 -15.15
CA GLY A 314 15.24 -20.64 -14.45
C GLY A 314 14.50 -19.42 -14.96
N VAL A 315 13.19 -19.56 -15.16
CA VAL A 315 12.34 -18.47 -15.64
C VAL A 315 11.45 -17.92 -14.54
N LEU A 316 10.75 -18.81 -13.83
CA LEU A 316 9.84 -18.37 -12.79
C LEU A 316 10.50 -17.36 -11.86
N SER A 317 11.74 -17.62 -11.45
CA SER A 317 12.42 -16.71 -10.53
C SER A 317 12.73 -15.38 -11.18
N THR A 318 13.16 -15.41 -12.45
CA THR A 318 13.48 -14.17 -13.15
C THR A 318 12.25 -13.27 -13.29
N LEU A 319 11.11 -13.85 -13.66
CA LEU A 319 9.88 -13.08 -13.72
C LEU A 319 9.53 -12.49 -12.36
N PHE A 320 9.81 -13.23 -11.29
CA PHE A 320 9.58 -12.70 -9.95
C PHE A 320 10.45 -11.48 -9.68
N ALA A 321 11.74 -11.54 -10.04
CA ALA A 321 12.60 -10.39 -9.83
C ALA A 321 12.13 -9.19 -10.66
N VAL A 322 11.66 -9.47 -11.88
CA VAL A 322 11.12 -8.41 -12.72
C VAL A 322 9.94 -7.73 -12.04
N ALA A 323 8.99 -8.53 -11.54
CA ALA A 323 7.88 -7.97 -10.79
C ALA A 323 8.37 -7.19 -9.58
N LEU A 324 9.40 -7.67 -8.89
CA LEU A 324 9.99 -6.90 -7.80
C LEU A 324 10.40 -5.53 -8.28
N LEU A 325 11.08 -5.47 -9.42
CA LEU A 325 11.49 -4.18 -9.97
C LEU A 325 10.28 -3.31 -10.30
N ALA A 326 9.30 -3.89 -11.00
CA ALA A 326 8.12 -3.13 -11.39
C ALA A 326 7.40 -2.57 -10.19
N SER A 327 7.43 -3.28 -9.06
CA SER A 327 6.78 -2.80 -7.86
C SER A 327 7.62 -1.75 -7.14
N GLY A 328 8.95 -1.90 -7.14
CA GLY A 328 9.81 -0.91 -6.52
C GLY A 328 9.89 0.40 -7.27
N GLN A 329 9.51 0.41 -8.55
CA GLN A 329 9.45 1.66 -9.29
C GLN A 329 8.30 2.56 -8.84
N ASN A 330 7.35 2.03 -8.07
CA ASN A 330 6.17 2.81 -7.69
C ASN A 330 6.54 3.97 -6.77
N SER A 331 7.34 3.70 -5.74
CA SER A 331 7.63 4.75 -4.77
C SER A 331 8.14 6.00 -5.46
N THR A 332 9.12 5.85 -6.36
CA THR A 332 9.71 6.99 -7.04
C THR A 332 8.67 8.00 -7.52
N ILE A 333 7.49 7.51 -7.92
CA ILE A 333 6.41 8.37 -8.39
C ILE A 333 5.53 8.80 -7.23
N THR A 334 4.86 7.82 -6.65
CA THR A 334 3.77 8.13 -5.74
C THR A 334 4.27 8.71 -4.43
N GLY A 335 5.39 8.20 -3.91
CA GLY A 335 5.96 8.80 -2.72
C GLY A 335 6.30 10.25 -2.92
N THR A 336 6.94 10.59 -4.03
CA THR A 336 7.23 12.00 -4.32
C THR A 336 5.95 12.82 -4.38
N ILE A 337 5.00 12.40 -5.22
CA ILE A 337 3.73 13.12 -5.34
C ILE A 337 3.10 13.32 -3.97
N THR A 338 2.90 12.23 -3.23
CA THR A 338 2.18 12.29 -1.96
C THR A 338 2.97 13.06 -0.92
N GLY A 339 4.30 12.95 -0.92
CA GLY A 339 5.10 13.71 0.01
C GLY A 339 5.06 15.20 -0.27
N GLN A 340 5.12 15.57 -1.54
CA GLN A 340 4.89 16.97 -1.90
C GLN A 340 3.52 17.40 -1.42
N VAL A 341 2.49 16.56 -1.62
CA VAL A 341 1.14 16.89 -1.18
C VAL A 341 1.13 17.18 0.32
N ILE A 342 1.72 16.27 1.10
CA ILE A 342 1.60 16.38 2.55
C ILE A 342 2.45 17.53 3.06
N MET A 343 3.61 17.78 2.45
CA MET A 343 4.40 18.96 2.83
C MET A 343 3.64 20.26 2.54
N GLU A 344 3.38 20.51 1.26
CA GLU A 344 2.66 21.70 0.84
C GLU A 344 1.29 21.84 1.49
N GLY A 345 0.78 20.80 2.15
CA GLY A 345 -0.52 20.93 2.80
C GLY A 345 -0.50 21.05 4.31
N PHE A 346 0.48 20.43 4.96
CA PHE A 346 0.57 20.38 6.42
C PHE A 346 1.51 21.43 6.99
N ILE A 347 2.66 21.67 6.35
CA ILE A 347 3.61 22.64 6.86
C ILE A 347 3.83 23.80 5.90
N HIS A 348 3.20 23.77 4.73
CA HIS A 348 3.34 24.84 3.74
C HIS A 348 4.82 25.03 3.38
N LEU A 349 5.44 23.93 2.96
CA LEU A 349 6.83 23.91 2.55
C LEU A 349 6.87 23.51 1.09
N ARG A 350 7.24 24.46 0.23
CA ARG A 350 7.31 24.23 -1.21
C ARG A 350 8.72 23.76 -1.54
N LEU A 351 8.87 22.46 -1.80
CA LEU A 351 10.15 21.89 -2.19
C LEU A 351 10.04 21.26 -3.58
N PRO A 352 11.15 21.15 -4.30
CA PRO A 352 11.12 20.56 -5.64
C PRO A 352 11.22 19.04 -5.57
N LEU A 353 10.93 18.41 -6.71
CA LEU A 353 11.08 16.97 -6.84
C LEU A 353 12.53 16.53 -6.83
N TRP A 354 13.47 17.47 -6.94
CA TRP A 354 14.88 17.13 -6.84
C TRP A 354 15.25 16.74 -5.42
N LEU A 355 15.11 17.67 -4.47
CA LEU A 355 15.54 17.43 -3.09
C LEU A 355 14.57 16.54 -2.32
N ARG A 356 13.33 16.39 -2.79
CA ARG A 356 12.38 15.50 -2.14
C ARG A 356 12.85 14.05 -2.23
N ARG A 357 12.89 13.51 -3.45
CA ARG A 357 13.31 12.13 -3.64
C ARG A 357 14.68 11.87 -3.03
N LEU A 358 15.58 12.84 -3.10
CA LEU A 358 16.90 12.68 -2.50
C LEU A 358 16.81 12.38 -1.02
N VAL A 359 16.18 13.29 -0.26
CA VAL A 359 16.13 13.13 1.19
C VAL A 359 15.36 11.87 1.55
N THR A 360 14.24 11.59 0.87
CA THR A 360 13.46 10.40 1.18
C THR A 360 14.26 9.13 0.93
N ARG A 361 14.87 9.00 -0.26
CA ARG A 361 15.63 7.81 -0.58
C ARG A 361 16.80 7.64 0.37
N LEU A 362 17.46 8.74 0.75
CA LEU A 362 18.57 8.64 1.67
C LEU A 362 18.11 8.14 3.03
N ILE A 363 17.05 8.74 3.57
CA ILE A 363 16.57 8.32 4.87
C ILE A 363 16.09 6.89 4.84
N ALA A 364 15.57 6.44 3.69
CA ALA A 364 15.11 5.07 3.53
C ALA A 364 16.27 4.08 3.46
N ILE A 365 17.33 4.43 2.72
CA ILE A 365 18.42 3.49 2.52
C ILE A 365 19.39 3.49 3.69
N ILE A 366 19.36 4.50 4.54
CA ILE A 366 20.22 4.53 5.72
C ILE A 366 20.05 3.22 6.50
N PRO A 367 18.84 2.91 6.97
CA PRO A 367 18.65 1.64 7.68
C PRO A 367 18.98 0.44 6.84
N VAL A 368 18.70 0.50 5.53
CA VAL A 368 18.97 -0.64 4.66
C VAL A 368 20.47 -0.93 4.60
N VAL A 369 21.28 0.13 4.43
CA VAL A 369 22.72 -0.07 4.37
C VAL A 369 23.27 -0.45 5.73
N VAL A 370 22.67 0.02 6.83
CA VAL A 370 23.12 -0.41 8.16
C VAL A 370 22.88 -1.90 8.34
N CYS A 371 21.68 -2.36 7.97
CA CYS A 371 21.36 -3.77 8.03
C CYS A 371 22.33 -4.58 7.17
N VAL A 372 22.57 -4.14 5.94
CA VAL A 372 23.49 -4.85 5.05
C VAL A 372 24.89 -4.89 5.66
N ALA A 373 25.33 -3.78 6.23
CA ALA A 373 26.64 -3.74 6.88
C ALA A 373 26.73 -4.78 7.98
N ILE A 374 25.75 -4.79 8.89
CA ILE A 374 25.80 -5.71 10.01
C ILE A 374 25.75 -7.16 9.54
N THR A 375 24.91 -7.47 8.56
CA THR A 375 24.76 -8.86 8.15
C THR A 375 25.98 -9.34 7.38
N SER A 376 26.48 -8.55 6.43
CA SER A 376 27.70 -8.93 5.73
C SER A 376 28.90 -8.93 6.66
N HIS A 377 28.84 -8.20 7.78
CA HIS A 377 29.90 -8.32 8.79
C HIS A 377 29.77 -9.61 9.58
N GLN A 378 28.54 -10.08 9.79
CA GLN A 378 28.35 -11.46 10.23
C GLN A 378 28.53 -12.45 9.08
N GLY A 379 28.73 -11.96 7.85
CA GLY A 379 29.14 -12.76 6.70
C GLY A 379 28.08 -13.06 5.64
N SER A 380 27.28 -12.06 5.26
CA SER A 380 26.11 -12.26 4.39
C SER A 380 25.25 -13.43 4.89
N LEU A 381 25.36 -13.75 6.18
CA LEU A 381 24.58 -14.81 6.80
C LEU A 381 23.27 -14.24 7.31
N ASP A 382 22.16 -14.77 6.77
CA ASP A 382 20.83 -14.27 7.11
C ASP A 382 20.67 -12.81 6.71
N GLU A 383 21.41 -12.38 5.67
CA GLU A 383 21.31 -11.00 5.24
C GLU A 383 19.97 -10.73 4.58
N HIS A 384 19.46 -11.68 3.78
CA HIS A 384 18.15 -11.50 3.15
C HIS A 384 17.02 -11.61 4.17
N GLN A 385 17.17 -12.53 5.13
CA GLN A 385 16.19 -12.61 6.21
C GLN A 385 16.22 -11.35 7.06
N ALA A 386 17.40 -10.78 7.31
CA ALA A 386 17.46 -9.55 8.08
C ALA A 386 16.84 -8.39 7.31
N LEU A 387 17.03 -8.37 5.99
CA LEU A 387 16.39 -7.35 5.16
C LEU A 387 14.88 -7.50 5.19
N ASN A 388 14.37 -8.73 5.13
CA ASN A 388 12.93 -8.94 5.25
C ASN A 388 12.42 -8.53 6.63
N ASN A 389 13.20 -8.76 7.68
CA ASN A 389 12.77 -8.32 9.01
C ASN A 389 12.75 -6.80 9.11
N LEU A 390 13.74 -6.13 8.54
CA LEU A 390 13.68 -4.68 8.44
C LEU A 390 12.44 -4.22 7.67
N MET A 391 12.21 -4.81 6.50
CA MET A 391 11.03 -4.48 5.72
C MET A 391 9.76 -4.59 6.55
N ASN A 392 9.63 -5.68 7.32
CA ASN A 392 8.42 -5.88 8.10
C ASN A 392 8.33 -4.97 9.31
N ASN A 393 9.46 -4.62 9.91
CA ASN A 393 9.41 -3.72 11.06
C ASN A 393 9.11 -2.29 10.64
N SER A 394 9.56 -1.88 9.44
CA SER A 394 9.24 -0.55 8.94
C SER A 394 7.74 -0.28 8.97
N GLN A 395 6.93 -1.31 8.76
CA GLN A 395 5.49 -1.21 8.62
C GLN A 395 4.78 -0.81 9.88
N VAL A 396 5.50 -0.43 10.93
CA VAL A 396 4.82 0.06 12.12
C VAL A 396 4.36 1.51 11.93
N PHE A 397 5.10 2.30 11.15
CA PHE A 397 4.71 3.69 10.94
C PHE A 397 3.37 3.81 10.24
N LEU A 398 3.03 2.82 9.40
CA LEU A 398 1.70 2.83 8.79
C LEU A 398 0.62 2.70 9.84
N ALA A 399 0.81 1.80 10.80
CA ALA A 399 -0.13 1.71 11.91
C ALA A 399 -0.17 3.00 12.72
N LEU A 400 0.99 3.65 12.88
CA LEU A 400 1.02 4.90 13.63
C LEU A 400 0.23 5.99 12.95
N ALA A 401 0.27 6.05 11.62
CA ALA A 401 -0.30 7.15 10.87
C ALA A 401 -1.69 6.88 10.28
N LEU A 402 -2.19 5.65 10.38
CA LEU A 402 -3.47 5.34 9.72
C LEU A 402 -4.64 6.08 10.36
N PRO A 403 -4.85 6.03 11.68
CA PRO A 403 -6.05 6.70 12.24
C PRO A 403 -6.08 8.17 11.89
N PHE A 404 -4.93 8.82 11.99
CA PHE A 404 -4.80 10.26 11.80
C PHE A 404 -5.00 10.62 10.34
N SER A 405 -5.29 9.62 9.54
CA SER A 405 -5.64 9.83 8.15
C SER A 405 -7.04 9.35 7.81
N ILE A 406 -7.56 8.33 8.48
CA ILE A 406 -8.88 7.83 8.13
C ILE A 406 -9.98 8.53 8.94
N VAL A 407 -9.78 8.71 10.25
CA VAL A 407 -10.78 9.43 11.06
C VAL A 407 -11.01 10.83 10.53
N PRO A 408 -9.98 11.66 10.32
CA PRO A 408 -10.23 12.97 9.72
C PRO A 408 -10.98 12.89 8.41
N LEU A 409 -10.58 11.99 7.51
CA LEU A 409 -11.25 11.90 6.22
C LEU A 409 -12.74 11.60 6.39
N LEU A 410 -13.07 10.58 7.19
CA LEU A 410 -14.47 10.24 7.43
C LEU A 410 -15.23 11.42 8.03
N MET A 411 -14.66 12.05 9.06
CA MET A 411 -15.32 13.18 9.69
C MET A 411 -15.60 14.30 8.68
N LEU A 412 -14.57 14.71 7.93
CA LEU A 412 -14.71 15.84 7.02
C LEU A 412 -15.64 15.53 5.85
N THR A 413 -15.70 14.26 5.43
CA THR A 413 -16.58 13.92 4.32
C THR A 413 -18.02 13.74 4.79
N ASP A 414 -18.23 13.34 6.05
CA ASP A 414 -19.60 13.25 6.55
C ASP A 414 -20.17 14.61 6.92
N SER A 415 -19.33 15.53 7.38
CA SER A 415 -19.85 16.82 7.79
C SER A 415 -20.38 17.59 6.58
N ALA A 416 -21.52 18.27 6.77
CA ALA A 416 -22.02 19.15 5.73
C ALA A 416 -21.19 20.43 5.63
N ALA A 417 -20.47 20.81 6.71
CA ALA A 417 -19.62 21.98 6.69
C ALA A 417 -18.46 21.85 5.70
N GLN A 418 -18.22 20.65 5.16
CA GLN A 418 -17.17 20.44 4.18
C GLN A 418 -17.68 19.96 2.84
N MET A 419 -18.78 19.21 2.81
CA MET A 419 -19.34 18.66 1.57
C MET A 419 -20.68 19.27 1.18
N GLY A 420 -21.41 19.88 2.12
CA GLY A 420 -22.75 20.34 1.86
C GLY A 420 -23.78 19.23 1.94
N ASN A 421 -25.04 19.64 2.15
CA ASN A 421 -26.13 18.68 2.31
C ASN A 421 -26.45 17.93 1.02
N GLN A 422 -25.79 18.26 -0.09
CA GLN A 422 -26.03 17.61 -1.36
C GLN A 422 -25.02 16.53 -1.69
N PHE A 423 -23.76 16.70 -1.29
CA PHE A 423 -22.70 15.77 -1.64
C PHE A 423 -22.01 15.12 -0.42
N LYS A 424 -22.60 15.22 0.77
CA LYS A 424 -22.07 14.50 1.91
C LYS A 424 -22.29 13.00 1.72
N ASN A 425 -21.93 12.24 2.74
CA ASN A 425 -21.98 10.79 2.65
C ASN A 425 -23.37 10.26 2.96
N THR A 426 -23.77 9.22 2.22
CA THR A 426 -25.05 8.58 2.46
C THR A 426 -25.08 7.93 3.84
N ARG A 427 -26.30 7.76 4.35
CA ARG A 427 -26.46 7.00 5.60
C ARG A 427 -25.89 5.59 5.46
N TRP A 428 -25.83 5.06 4.24
CA TRP A 428 -25.27 3.72 4.04
C TRP A 428 -23.76 3.72 4.29
N VAL A 429 -23.04 4.63 3.63
CA VAL A 429 -21.61 4.73 3.85
C VAL A 429 -21.28 5.28 5.23
N LYS A 430 -22.18 6.04 5.86
CA LYS A 430 -21.90 6.48 7.23
C LYS A 430 -21.70 5.30 8.15
N VAL A 431 -22.48 4.24 7.97
CA VAL A 431 -22.36 3.06 8.83
C VAL A 431 -21.13 2.23 8.44
N MET A 432 -21.03 1.87 7.17
CA MET A 432 -19.86 1.12 6.72
C MET A 432 -18.56 1.87 7.00
N GLY A 433 -18.55 3.18 6.74
CA GLY A 433 -17.33 3.94 6.94
C GLY A 433 -16.88 3.95 8.39
N TRP A 434 -17.79 4.26 9.30
CA TRP A 434 -17.43 4.28 10.72
C TRP A 434 -17.07 2.90 11.24
N LEU A 435 -17.78 1.88 10.80
CA LEU A 435 -17.45 0.51 11.20
C LEU A 435 -16.02 0.16 10.79
N THR A 436 -15.70 0.36 9.50
CA THR A 436 -14.36 0.04 9.02
C THR A 436 -13.31 0.87 9.75
N VAL A 437 -13.59 2.15 9.99
CA VAL A 437 -12.61 2.99 10.66
C VAL A 437 -12.35 2.49 12.07
N ILE A 438 -13.41 2.12 12.80
CA ILE A 438 -13.24 1.61 14.15
C ILE A 438 -12.47 0.29 14.13
N ILE A 439 -12.85 -0.60 13.23
CA ILE A 439 -12.18 -1.89 13.12
C ILE A 439 -10.68 -1.70 12.91
N LEU A 440 -10.33 -0.91 11.89
CA LEU A 440 -8.92 -0.73 11.56
C LEU A 440 -8.15 -0.06 12.67
N THR A 441 -8.72 0.99 13.26
CA THR A 441 -8.01 1.64 14.36
C THR A 441 -7.78 0.66 15.49
N LEU A 442 -8.78 -0.16 15.82
CA LEU A 442 -8.60 -1.16 16.87
C LEU A 442 -7.49 -2.15 16.51
N LEU A 443 -7.57 -2.71 15.31
CA LEU A 443 -6.57 -3.67 14.87
C LEU A 443 -5.17 -3.06 14.91
N ASN A 444 -5.04 -1.80 14.50
CA ASN A 444 -3.72 -1.19 14.40
C ASN A 444 -3.18 -0.82 15.77
N LEU A 445 -4.02 -0.32 16.66
CA LEU A 445 -3.59 -0.12 18.03
C LEU A 445 -3.15 -1.44 18.64
N ILE A 446 -3.82 -2.53 18.29
CA ILE A 446 -3.42 -3.85 18.75
C ILE A 446 -2.03 -4.19 18.19
N SER A 447 -1.88 -4.07 16.88
CA SER A 447 -0.65 -4.44 16.19
C SER A 447 0.54 -3.57 16.59
N ILE A 448 0.28 -2.40 17.16
CA ILE A 448 1.36 -1.54 17.63
C ILE A 448 2.25 -2.30 18.61
N SER A 449 1.63 -2.90 19.63
CA SER A 449 2.42 -3.63 20.62
C SER A 449 3.12 -4.83 20.00
N SER A 450 2.44 -5.55 19.12
CA SER A 450 3.07 -6.70 18.45
C SER A 450 4.33 -6.27 17.72
N GLN A 451 4.25 -5.19 16.94
CA GLN A 451 5.41 -4.74 16.19
C GLN A 451 6.51 -4.24 17.13
N ILE A 452 6.15 -3.47 18.15
CA ILE A 452 7.15 -2.94 19.07
C ILE A 452 7.89 -4.08 19.75
N ALA A 453 7.19 -5.17 20.08
CA ALA A 453 7.87 -6.34 20.64
C ALA A 453 8.69 -7.07 19.60
N GLY A 454 8.23 -7.09 18.34
CA GLY A 454 9.00 -7.72 17.27
C GLY A 454 10.25 -6.96 16.90
N PHE A 455 10.38 -5.70 17.34
CA PHE A 455 11.63 -4.99 17.14
C PHE A 455 12.80 -5.68 17.82
N PHE A 456 12.55 -6.35 18.94
CA PHE A 456 13.59 -7.05 19.69
C PHE A 456 13.85 -8.46 19.17
N GLY A 457 13.39 -8.79 17.97
CA GLY A 457 13.63 -10.10 17.39
C GLY A 457 12.90 -11.21 18.11
N ASP A 458 13.09 -12.43 17.62
CA ASP A 458 12.47 -13.62 18.18
C ASP A 458 13.16 -14.10 19.46
N ASN A 459 14.12 -13.35 19.98
CA ASN A 459 14.77 -13.67 21.24
C ASN A 459 14.12 -12.88 22.36
N PRO A 460 13.18 -13.45 23.10
CA PRO A 460 12.44 -12.68 24.11
C PRO A 460 13.24 -12.42 25.38
N SER A 461 13.95 -11.30 25.43
CA SER A 461 14.64 -10.91 26.65
C SER A 461 13.61 -10.54 27.72
N SER A 462 13.66 -11.23 28.86
CA SER A 462 12.67 -11.00 29.90
C SER A 462 12.63 -9.54 30.34
N GLN A 463 13.80 -8.90 30.48
CA GLN A 463 13.80 -7.50 30.89
C GLN A 463 13.33 -6.58 29.78
N ASP A 464 13.65 -6.91 28.53
CA ASP A 464 13.23 -6.10 27.40
C ASP A 464 11.75 -6.27 27.08
N LEU A 465 11.14 -7.37 27.52
CA LEU A 465 9.71 -7.58 27.27
C LEU A 465 8.87 -6.57 28.04
N LEU A 466 9.20 -6.33 29.31
CA LEU A 466 8.47 -5.33 30.08
C LEU A 466 8.70 -3.93 29.51
N LEU A 467 9.91 -3.65 29.03
CA LEU A 467 10.16 -2.36 28.40
C LEU A 467 9.33 -2.19 27.13
N SER A 468 9.23 -3.25 26.33
CA SER A 468 8.38 -3.20 25.15
C SER A 468 6.93 -2.95 25.54
N GLN A 469 6.47 -3.60 26.61
CA GLN A 469 5.09 -3.38 27.08
C GLN A 469 4.87 -1.92 27.45
N VAL A 470 5.82 -1.33 28.19
CA VAL A 470 5.70 0.07 28.58
C VAL A 470 5.67 0.97 27.35
N ILE A 471 6.60 0.74 26.43
CA ILE A 471 6.69 1.57 25.22
C ILE A 471 5.40 1.46 24.41
N SER A 472 4.85 0.26 24.30
CA SER A 472 3.63 0.07 23.52
C SER A 472 2.43 0.75 24.17
N ILE A 473 2.29 0.58 25.49
CA ILE A 473 1.22 1.28 26.20
C ILE A 473 1.34 2.78 25.98
N GLY A 474 2.57 3.30 26.11
CA GLY A 474 2.77 4.73 25.90
C GLY A 474 2.37 5.17 24.50
N ILE A 475 2.80 4.42 23.49
CA ILE A 475 2.52 4.81 22.11
C ILE A 475 1.03 4.77 21.84
N ILE A 476 0.36 3.72 22.30
CA ILE A 476 -1.08 3.59 22.04
C ILE A 476 -1.85 4.68 22.77
N LEU A 477 -1.42 5.01 24.00
CA LEU A 477 -2.10 6.09 24.72
C LEU A 477 -1.86 7.44 24.07
N ALA A 478 -0.64 7.67 23.57
CA ALA A 478 -0.35 8.91 22.86
C ALA A 478 -1.20 9.03 21.59
N MET A 479 -1.34 7.92 20.87
CA MET A 479 -2.22 7.92 19.71
C MET A 479 -3.66 8.17 20.12
N ILE A 480 -4.09 7.60 21.23
CA ILE A 480 -5.45 7.87 21.74
C ILE A 480 -5.63 9.35 22.02
N GLY A 481 -4.66 9.95 22.68
CA GLY A 481 -4.74 11.38 22.96
C GLY A 481 -4.81 12.19 21.68
N LEU A 482 -3.91 11.90 20.74
CA LEU A 482 -3.93 12.63 19.47
C LEU A 482 -5.26 12.44 18.74
N LEU A 483 -5.81 11.23 18.81
CA LEU A 483 -7.05 10.94 18.11
C LEU A 483 -8.22 11.71 18.71
N ILE A 484 -8.31 11.73 20.05
CA ILE A 484 -9.41 12.47 20.67
C ILE A 484 -9.22 13.97 20.46
N TRP A 485 -7.98 14.46 20.45
CA TRP A 485 -7.73 15.87 20.16
C TRP A 485 -8.23 16.22 18.76
N THR A 486 -7.89 15.38 17.77
CA THR A 486 -8.32 15.65 16.40
C THR A 486 -9.83 15.55 16.27
N ILE A 487 -10.45 14.59 16.97
CA ILE A 487 -11.91 14.48 16.96
C ILE A 487 -12.53 15.75 17.50
N ILE A 488 -11.99 16.27 18.61
CA ILE A 488 -12.52 17.49 19.21
C ILE A 488 -12.43 18.64 18.23
N ASP A 489 -11.26 18.81 17.60
CA ASP A 489 -11.09 19.93 16.66
C ASP A 489 -12.05 19.81 15.48
N ILE A 490 -12.17 18.60 14.91
CA ILE A 490 -13.00 18.44 13.72
C ILE A 490 -14.47 18.61 14.07
N ARG A 491 -14.88 18.16 15.26
CA ARG A 491 -16.28 18.30 15.65
C ARG A 491 -16.60 19.73 16.05
N ARG A 492 -15.60 20.48 16.53
CA ARG A 492 -15.78 21.91 16.71
C ARG A 492 -16.01 22.59 15.37
N PHE A 493 -15.26 22.19 14.34
CA PHE A 493 -15.55 22.69 13.00
C PHE A 493 -16.95 22.31 12.56
N THR A 494 -17.38 21.09 12.90
CA THR A 494 -18.73 20.65 12.57
C THR A 494 -19.58 20.52 13.83
CAB NJZ B . 0.37 -5.72 11.58
CAE NJZ B . 0.80 -3.80 9.58
CAF NJZ B . 0.26 -3.13 8.49
CAG NJZ B . -0.47 -1.94 8.67
CAH NJZ B . -1.02 -1.31 7.54
CAJ NJZ B . -0.86 -1.87 6.28
CAK NJZ B . -0.17 -3.07 6.12
CAL NJZ B . -0.03 -3.59 4.87
CAN NJZ B . 1.77 -2.68 2.62
CAQ NJZ B . 0.40 -3.69 7.23
NAA NJZ B . 0.91 -4.98 12.56
NAC NJZ B . 0.40 -7.05 11.59
NAO NJZ B . 2.72 -1.88 2.13
NAP NJZ B . 1.20 -3.64 1.91
SAD NJZ B . -0.46 -4.92 10.29
SAM NJZ B . 1.22 -2.37 4.26
BR1 NJZ B . -2.00 0.30 7.65
HAE NJZ B . 1.67 -4.38 9.26
HAF NJZ B . 1.11 -3.07 10.34
HAG NJZ B . -0.60 -1.51 9.65
HAJ NJZ B . -1.28 -1.37 5.42
HAM NJZ B . -0.95 -3.57 4.30
HAL NJZ B . 0.36 -4.62 4.89
HAQ NJZ B . 0.97 -4.61 7.10
HAA NJZ B . 1.39 -5.41 13.32
HAT NJZ B . 0.82 -3.98 12.53
HAC NJZ B . 0.82 -7.55 12.34
HAO NJZ B . 3.08 -2.01 1.21
HAU NJZ B . 3.09 -1.14 2.71
HAP NJZ B . 0.46 -4.18 2.30
HAR NJZ B . -0.02 -7.56 10.83
HAS NJZ B . 1.50 -3.82 0.98
#